data_7ZP7
#
_entry.id   7ZP7
#
_cell.length_a   50.752
_cell.length_b   73.958
_cell.length_c   74.722
_cell.angle_alpha   90.000
_cell.angle_beta   93.460
_cell.angle_gamma   90.000
#
_symmetry.space_group_name_H-M   'P 1 21 1'
#
loop_
_entity.id
_entity.type
_entity.pdbx_description
1 polymer 'EnT1.3 C'
2 non-polymer (1~{R},10~{R},12~{S})-15-oxa-8-azatetracyclo[8.5.0.0^{1,12}.0^{2,7}]pentadeca-2(7),3,5-trien-9-one
3 non-polymer 1,2-ETHANEDIOL
4 water water
#
_entity_poly.entity_id   1
_entity_poly.type   'polypeptide(L)'
_entity_poly.pdbx_seq_one_letter_code
;MGSSHHHHHHSSGLVPRGSHMEIPVIEPLFTKVTEDIPGAAGPVFDKNGDFYIVAPYVEVNGKPAGEILRIDLKTGKKTV
ICKPEVNGYGGIPAGCQCDRDANQLFVADARLGLLVVQTDGTFEEIAKKDSEGRRMQGCAYCAFDYEGNLWITAPAGEVA
PADFTISLDEKFGSIYCFTTDGQMIQVDTAFQ(PBF)PAGIAVRHMNDGRPYQLIVAEQRTKKLWSYDIKGPAKIENKKV
WGHIPGTHEGGASGMDFDEDNNLLVANWGSSHIEVFGPDGGQPKMRIRCPFEKPSALHFKPQTKTIFVTEHENNAVWKFE
WQRNGKKQYCETLK
;
_entity_poly.pdbx_strand_id   A,B
#
# COMPACT_ATOMS: atom_id res chain seq x y z
N ILE A 23 -16.92 20.05 -23.04
CA ILE A 23 -17.24 18.64 -22.91
C ILE A 23 -18.67 18.40 -23.39
N PRO A 24 -18.85 17.59 -24.43
CA PRO A 24 -20.21 17.35 -24.93
C PRO A 24 -21.07 16.67 -23.88
N VAL A 25 -22.36 16.99 -23.92
CA VAL A 25 -23.35 16.47 -22.98
C VAL A 25 -24.47 15.83 -23.78
N ILE A 26 -24.93 14.68 -23.33
CA ILE A 26 -26.13 14.05 -23.87
C ILE A 26 -27.19 14.07 -22.78
N GLU A 27 -28.45 14.00 -23.21
CA GLU A 27 -29.61 14.13 -22.32
C GLU A 27 -30.62 13.04 -22.66
N PRO A 28 -30.26 11.78 -22.43
CA PRO A 28 -31.17 10.68 -22.78
C PRO A 28 -32.41 10.69 -21.91
N LEU A 29 -33.45 10.02 -22.40
CA LEU A 29 -34.68 9.86 -21.63
C LEU A 29 -34.45 8.91 -20.48
N PHE A 30 -34.82 9.33 -19.27
CA PHE A 30 -34.82 8.48 -18.11
C PHE A 30 -36.24 8.02 -17.80
N THR A 31 -36.38 6.75 -17.43
CA THR A 31 -37.66 6.16 -17.08
C THR A 31 -37.61 5.71 -15.63
N LYS A 32 -38.62 6.09 -14.84
CA LYS A 32 -38.69 5.72 -13.44
C LYS A 32 -38.91 4.21 -13.32
N VAL A 33 -38.19 3.59 -12.39
CA VAL A 33 -38.29 2.16 -12.12
C VAL A 33 -39.05 1.89 -10.82
N THR A 34 -38.66 2.56 -9.74
CA THR A 34 -39.28 2.36 -8.45
C THR A 34 -38.87 3.54 -7.57
N GLU A 35 -39.52 3.64 -6.41
CA GLU A 35 -39.38 4.82 -5.58
C GLU A 35 -39.52 4.45 -4.11
N ASP A 36 -39.27 5.44 -3.25
CA ASP A 36 -39.46 5.31 -1.80
C ASP A 36 -38.45 4.33 -1.17
N ILE A 37 -37.17 4.55 -1.46
CA ILE A 37 -36.10 3.65 -1.04
C ILE A 37 -35.05 4.45 -0.28
N PRO A 38 -35.05 4.44 1.05
CA PRO A 38 -34.10 5.29 1.80
C PRO A 38 -32.64 5.01 1.47
N GLY A 39 -31.98 6.01 0.88
CA GLY A 39 -30.59 5.89 0.52
C GLY A 39 -30.32 5.02 -0.67
N ALA A 40 -31.33 4.81 -1.52
CA ALA A 40 -31.25 3.89 -2.65
C ALA A 40 -29.87 3.78 -3.25
N ALA A 41 -29.33 2.58 -3.32
CA ALA A 41 -28.01 2.34 -3.86
C ALA A 41 -27.90 0.86 -4.24
N GLY A 42 -26.69 0.44 -4.58
CA GLY A 42 -26.38 -0.95 -4.84
C GLY A 42 -27.26 -1.67 -5.84
N PRO A 43 -27.53 -1.05 -6.99
CA PRO A 43 -28.25 -1.78 -8.05
C PRO A 43 -27.43 -2.96 -8.54
N VAL A 44 -28.11 -4.10 -8.77
CA VAL A 44 -27.40 -5.31 -9.19
C VAL A 44 -28.41 -6.28 -9.79
N PHE A 45 -27.95 -7.05 -10.76
CA PHE A 45 -28.73 -8.14 -11.36
C PHE A 45 -28.13 -9.47 -10.95
N ASP A 46 -28.97 -10.46 -10.64
CA ASP A 46 -28.45 -11.78 -10.33
C ASP A 46 -28.44 -12.64 -11.60
N LYS A 47 -28.06 -13.91 -11.44
CA LYS A 47 -27.85 -14.78 -12.59
C LYS A 47 -29.15 -15.11 -13.32
N ASN A 48 -30.29 -14.89 -12.68
CA ASN A 48 -31.58 -15.13 -13.31
C ASN A 48 -32.16 -13.87 -13.91
N GLY A 49 -31.44 -12.76 -13.84
CA GLY A 49 -31.95 -11.50 -14.35
C GLY A 49 -32.85 -10.74 -13.39
N ASP A 50 -32.96 -11.17 -12.14
CA ASP A 50 -33.72 -10.41 -11.16
C ASP A 50 -32.91 -9.19 -10.73
N PHE A 51 -33.62 -8.12 -10.38
CA PHE A 51 -33.01 -6.84 -10.04
C PHE A 51 -33.17 -6.54 -8.56
N TYR A 52 -32.08 -6.08 -7.94
CA TYR A 52 -32.05 -5.76 -6.53
C TYR A 52 -31.40 -4.40 -6.32
N ILE A 53 -31.76 -3.75 -5.22
CA ILE A 53 -31.12 -2.53 -4.74
C ILE A 53 -31.05 -2.64 -3.22
N VAL A 54 -30.33 -1.71 -2.61
CA VAL A 54 -30.24 -1.66 -1.16
C VAL A 54 -30.84 -0.34 -0.68
N ALA A 55 -31.34 -0.36 0.55
CA ALA A 55 -31.89 0.81 1.23
C ALA A 55 -31.08 0.99 2.52
N PRO A 56 -29.91 1.61 2.43
CA PRO A 56 -29.03 1.66 3.60
C PRO A 56 -29.61 2.42 4.79
N TYR A 57 -30.49 3.38 4.55
CA TYR A 57 -30.84 4.36 5.58
C TYR A 57 -32.17 4.06 6.28
N VAL A 58 -32.78 2.91 6.03
CA VAL A 58 -33.96 2.53 6.80
C VAL A 58 -33.57 2.45 8.27
N GLU A 59 -34.45 2.94 9.14
CA GLU A 59 -34.24 2.84 10.59
C GLU A 59 -35.48 2.27 11.26
N VAL A 60 -35.25 1.55 12.37
CA VAL A 60 -36.29 1.02 13.24
C VAL A 60 -35.91 1.33 14.68
N ASN A 61 -36.86 1.84 15.46
CA ASN A 61 -36.65 2.24 16.85
C ASN A 61 -35.41 3.12 16.99
N GLY A 62 -35.21 3.98 16.00
CA GLY A 62 -34.17 4.99 16.07
C GLY A 62 -32.78 4.55 15.73
N LYS A 63 -32.60 3.33 15.23
CA LYS A 63 -31.28 2.78 14.93
C LYS A 63 -31.26 2.15 13.54
N PRO A 64 -30.06 1.92 12.99
CA PRO A 64 -29.99 1.39 11.63
C PRO A 64 -30.71 0.05 11.47
N ALA A 65 -31.41 -0.09 10.35
CA ALA A 65 -32.15 -1.31 10.02
C ALA A 65 -32.28 -1.39 8.50
N GLY A 66 -31.15 -1.24 7.80
CA GLY A 66 -31.18 -1.18 6.35
C GLY A 66 -31.65 -2.48 5.72
N GLU A 67 -32.00 -2.39 4.44
CA GLU A 67 -32.70 -3.47 3.75
C GLU A 67 -32.08 -3.76 2.40
N ILE A 68 -32.23 -5.01 1.96
CA ILE A 68 -31.93 -5.45 0.61
C ILE A 68 -33.25 -5.86 -0.03
N LEU A 69 -33.55 -5.28 -1.19
CA LEU A 69 -34.86 -5.46 -1.82
C LEU A 69 -34.71 -6.00 -3.24
N ARG A 70 -35.68 -6.82 -3.63
CA ARG A 70 -35.87 -7.23 -5.03
C ARG A 70 -36.95 -6.35 -5.64
N ILE A 71 -36.73 -5.92 -6.88
CA ILE A 71 -37.64 -5.01 -7.57
C ILE A 71 -38.26 -5.74 -8.75
N ASP A 72 -39.60 -5.70 -8.84
CA ASP A 72 -40.28 -6.18 -10.03
C ASP A 72 -40.10 -5.13 -11.12
N LEU A 73 -39.49 -5.52 -12.24
CA LEU A 73 -39.09 -4.52 -13.22
C LEU A 73 -40.29 -3.98 -13.99
N LYS A 74 -41.37 -4.75 -14.10
CA LYS A 74 -42.55 -4.24 -14.81
C LYS A 74 -43.22 -3.15 -13.98
N THR A 75 -43.48 -3.41 -12.69
CA THR A 75 -44.29 -2.55 -11.87
C THR A 75 -43.50 -1.66 -10.91
N GLY A 76 -42.24 -1.99 -10.65
CA GLY A 76 -41.53 -1.34 -9.57
C GLY A 76 -41.92 -1.80 -8.18
N LYS A 77 -42.72 -2.86 -8.07
CA LYS A 77 -43.04 -3.41 -6.77
C LYS A 77 -41.78 -3.87 -6.06
N LYS A 78 -41.71 -3.61 -4.75
CA LYS A 78 -40.54 -3.91 -3.94
C LYS A 78 -40.82 -5.05 -2.97
N THR A 79 -39.89 -6.00 -2.88
CA THR A 79 -39.95 -7.10 -1.92
C THR A 79 -38.69 -7.08 -1.08
N VAL A 80 -38.85 -7.00 0.25
CA VAL A 80 -37.70 -7.06 1.14
C VAL A 80 -37.15 -8.49 1.12
N ILE A 81 -35.90 -8.63 0.73
CA ILE A 81 -35.20 -9.91 0.71
C ILE A 81 -34.52 -10.19 2.04
N CYS A 82 -33.91 -9.17 2.63
CA CYS A 82 -33.05 -9.37 3.79
C CYS A 82 -32.96 -8.06 4.56
N LYS A 83 -33.03 -8.18 5.88
CA LYS A 83 -32.90 -7.05 6.82
C LYS A 83 -31.74 -7.41 7.74
N PRO A 84 -30.50 -7.25 7.29
CA PRO A 84 -29.38 -7.86 8.01
C PRO A 84 -29.11 -7.18 9.36
N GLU A 85 -28.86 -8.03 10.35
CA GLU A 85 -28.56 -7.61 11.72
C GLU A 85 -27.63 -8.67 12.28
N VAL A 86 -26.67 -8.25 13.09
CA VAL A 86 -25.76 -9.18 13.76
C VAL A 86 -25.69 -8.77 15.23
N ASN A 87 -26.13 -9.68 16.10
CA ASN A 87 -26.09 -9.46 17.55
C ASN A 87 -26.75 -8.14 17.95
N GLY A 88 -27.90 -7.86 17.34
CA GLY A 88 -28.66 -6.67 17.67
C GLY A 88 -28.17 -5.39 17.04
N TYR A 89 -27.16 -5.45 16.17
CA TYR A 89 -26.69 -4.28 15.44
C TYR A 89 -27.17 -4.36 14.00
N GLY A 90 -27.97 -3.39 13.57
CA GLY A 90 -28.53 -3.42 12.23
C GLY A 90 -27.52 -2.97 11.18
N GLY A 91 -27.72 -3.47 9.95
CA GLY A 91 -26.82 -3.15 8.86
C GLY A 91 -27.18 -1.86 8.11
N ILE A 92 -26.19 -1.37 7.36
CA ILE A 92 -26.33 -0.26 6.42
C ILE A 92 -25.81 -0.79 5.09
N PRO A 93 -26.54 -1.70 4.43
CA PRO A 93 -26.08 -2.26 3.16
C PRO A 93 -26.02 -1.18 2.09
N ALA A 94 -24.89 -1.14 1.36
CA ALA A 94 -24.55 0.01 0.54
C ALA A 94 -24.15 -0.29 -0.89
N GLY A 95 -23.71 -1.50 -1.22
CA GLY A 95 -23.30 -1.82 -2.57
C GLY A 95 -23.23 -3.32 -2.78
N CYS A 96 -23.43 -3.74 -4.04
CA CYS A 96 -23.63 -5.16 -4.31
C CYS A 96 -22.90 -5.61 -5.57
N GLN A 97 -22.57 -6.91 -5.59
CA GLN A 97 -22.14 -7.61 -6.79
C GLN A 97 -22.69 -9.03 -6.70
N CYS A 98 -22.92 -9.65 -7.86
CA CYS A 98 -23.40 -11.03 -7.90
C CYS A 98 -22.22 -11.98 -8.15
N ASP A 99 -22.24 -13.11 -7.44
CA ASP A 99 -21.22 -14.13 -7.56
C ASP A 99 -21.44 -14.94 -8.84
N ARG A 100 -20.40 -15.68 -9.25
CA ARG A 100 -20.47 -16.49 -10.46
C ARG A 100 -20.89 -17.93 -10.18
N ASP A 101 -20.20 -18.62 -9.27
CA ASP A 101 -20.39 -20.05 -9.09
C ASP A 101 -21.65 -20.37 -8.28
N ALA A 102 -22.25 -19.39 -7.63
CA ALA A 102 -23.53 -19.53 -6.96
C ALA A 102 -24.31 -18.23 -7.13
N ASN A 103 -25.63 -18.34 -7.15
CA ASN A 103 -26.49 -17.17 -7.32
C ASN A 103 -26.71 -16.52 -5.95
N GLN A 104 -25.71 -15.75 -5.53
CA GLN A 104 -25.70 -15.11 -4.22
C GLN A 104 -25.06 -13.73 -4.36
N LEU A 105 -25.50 -12.81 -3.51
CA LEU A 105 -25.07 -11.42 -3.60
C LEU A 105 -24.01 -11.13 -2.54
N PHE A 106 -22.90 -10.56 -2.98
CA PHE A 106 -21.90 -9.99 -2.07
C PHE A 106 -22.29 -8.54 -1.83
N VAL A 107 -22.52 -8.19 -0.57
CA VAL A 107 -23.07 -6.89 -0.20
C VAL A 107 -22.09 -6.21 0.74
N ALA A 108 -21.61 -5.04 0.31
CA ALA A 108 -20.80 -4.19 1.17
C ALA A 108 -21.72 -3.42 2.12
N ASP A 109 -21.44 -3.52 3.41
CA ASP A 109 -22.32 -2.99 4.45
C ASP A 109 -21.51 -2.06 5.34
N ALA A 110 -21.98 -0.83 5.49
CA ALA A 110 -21.19 0.17 6.20
C ALA A 110 -21.17 -0.05 7.72
N ARG A 111 -22.04 -0.92 8.24
CA ARG A 111 -21.99 -1.31 9.64
C ARG A 111 -21.42 -2.71 9.84
N LEU A 112 -21.63 -3.63 8.89
CA LEU A 112 -21.32 -5.03 9.12
C LEU A 112 -20.16 -5.55 8.28
N GLY A 113 -19.62 -4.78 7.37
CA GLY A 113 -18.46 -5.21 6.60
C GLY A 113 -18.90 -5.85 5.29
N LEU A 114 -18.51 -7.10 5.07
CA LEU A 114 -18.86 -7.80 3.85
C LEU A 114 -19.86 -8.91 4.18
N LEU A 115 -21.01 -8.87 3.51
CA LEU A 115 -22.04 -9.89 3.66
C LEU A 115 -22.13 -10.73 2.39
N VAL A 116 -22.55 -11.98 2.57
CA VAL A 116 -23.07 -12.78 1.46
C VAL A 116 -24.54 -13.03 1.76
N VAL A 117 -25.39 -12.56 0.85
CA VAL A 117 -26.84 -12.59 1.01
C VAL A 117 -27.42 -13.54 -0.01
N GLN A 118 -28.20 -14.51 0.45
CA GLN A 118 -28.89 -15.41 -0.44
C GLN A 118 -30.23 -14.81 -0.85
N THR A 119 -30.72 -15.24 -2.02
CA THR A 119 -32.03 -14.77 -2.46
C THR A 119 -33.14 -15.24 -1.54
N ASP A 120 -32.91 -16.32 -0.77
CA ASP A 120 -33.93 -16.76 0.17
C ASP A 120 -33.94 -15.95 1.47
N GLY A 121 -33.12 -14.90 1.57
CA GLY A 121 -33.13 -14.01 2.71
C GLY A 121 -32.10 -14.33 3.77
N THR A 122 -31.52 -15.53 3.76
CA THR A 122 -30.49 -15.86 4.72
C THR A 122 -29.19 -15.17 4.31
N PHE A 123 -28.35 -14.87 5.30
CA PHE A 123 -27.13 -14.14 5.01
C PHE A 123 -26.07 -14.52 6.04
N GLU A 124 -24.83 -14.21 5.69
CA GLU A 124 -23.68 -14.40 6.56
C GLU A 124 -22.78 -13.18 6.49
N GLU A 125 -22.23 -12.79 7.63
CA GLU A 125 -21.14 -11.82 7.67
C GLU A 125 -19.84 -12.56 7.36
N ILE A 126 -19.21 -12.20 6.24
CA ILE A 126 -18.12 -13.03 5.70
C ILE A 126 -16.83 -12.85 6.48
N ALA A 127 -16.54 -11.62 6.89
CA ALA A 127 -15.31 -11.33 7.61
C ALA A 127 -15.59 -10.17 8.54
N LYS A 128 -15.07 -10.27 9.75
CA LYS A 128 -15.12 -9.19 10.71
C LYS A 128 -13.73 -8.67 11.05
N LYS A 129 -12.67 -9.32 10.54
CA LYS A 129 -11.29 -8.94 10.76
C LYS A 129 -10.55 -9.08 9.43
N ASP A 130 -9.50 -8.27 9.25
CA ASP A 130 -8.65 -8.40 8.06
C ASP A 130 -7.50 -9.37 8.36
N SER A 131 -6.64 -9.57 7.36
CA SER A 131 -5.56 -10.55 7.47
C SER A 131 -4.49 -10.16 8.47
N GLU A 132 -4.46 -8.90 8.90
CA GLU A 132 -3.56 -8.46 9.97
C GLU A 132 -4.22 -8.54 11.33
N GLY A 133 -5.42 -9.10 11.42
CA GLY A 133 -6.09 -9.29 12.68
C GLY A 133 -6.87 -8.10 13.19
N ARG A 134 -6.96 -7.03 12.42
CA ARG A 134 -7.68 -5.84 12.89
C ARG A 134 -9.14 -5.88 12.48
N ARG A 135 -9.98 -5.25 13.30
CA ARG A 135 -11.39 -5.15 13.00
CA ARG A 135 -11.40 -5.15 13.00
C ARG A 135 -11.60 -4.58 11.61
N MET A 136 -12.59 -5.12 10.91
CA MET A 136 -12.98 -4.58 9.62
CA MET A 136 -12.98 -4.58 9.62
C MET A 136 -13.46 -3.14 9.74
N GLN A 137 -13.36 -2.40 8.64
CA GLN A 137 -14.04 -1.13 8.47
C GLN A 137 -15.33 -1.36 7.68
N GLY A 138 -16.33 -0.53 7.93
CA GLY A 138 -17.56 -0.63 7.16
C GLY A 138 -17.31 -0.36 5.68
N CYS A 139 -17.97 -1.14 4.83
CA CYS A 139 -17.73 -1.14 3.40
C CYS A 139 -18.90 -0.49 2.66
N ALA A 140 -18.62 -0.06 1.42
CA ALA A 140 -19.65 0.64 0.65
C ALA A 140 -19.85 0.13 -0.77
N TYR A 141 -18.77 0.01 -1.55
CA TYR A 141 -18.88 -0.47 -2.92
C TYR A 141 -17.92 -1.64 -3.11
N CYS A 142 -18.22 -2.47 -4.11
CA CYS A 142 -17.32 -3.57 -4.39
C CYS A 142 -17.42 -3.96 -5.86
N ALA A 143 -16.39 -4.67 -6.33
CA ALA A 143 -16.31 -5.09 -7.72
C ALA A 143 -15.50 -6.37 -7.82
N PHE A 144 -16.07 -7.38 -8.48
CA PHE A 144 -15.34 -8.60 -8.77
C PHE A 144 -14.44 -8.43 -9.99
N ASP A 145 -13.23 -8.96 -9.93
CA ASP A 145 -12.48 -9.17 -11.17
C ASP A 145 -12.81 -10.57 -11.70
N TYR A 146 -12.34 -10.85 -12.92
CA TYR A 146 -12.71 -12.09 -13.59
C TYR A 146 -12.03 -13.31 -12.98
N GLU A 147 -11.03 -13.11 -12.13
CA GLU A 147 -10.42 -14.18 -11.36
C GLU A 147 -11.19 -14.48 -10.08
N GLY A 148 -12.25 -13.73 -9.80
CA GLY A 148 -13.09 -13.98 -8.65
C GLY A 148 -12.70 -13.26 -7.37
N ASN A 149 -11.72 -12.36 -7.43
CA ASN A 149 -11.36 -11.55 -6.29
C ASN A 149 -12.25 -10.33 -6.20
N LEU A 150 -12.65 -9.97 -4.98
CA LEU A 150 -13.60 -8.90 -4.76
C LEU A 150 -12.86 -7.69 -4.19
N TRP A 151 -12.83 -6.60 -4.94
CA TRP A 151 -12.18 -5.37 -4.52
C TRP A 151 -13.23 -4.46 -3.90
N ILE A 152 -12.91 -3.89 -2.72
CA ILE A 152 -13.93 -3.32 -1.84
C ILE A 152 -13.44 -1.98 -1.29
N THR A 153 -14.31 -0.97 -1.31
CA THR A 153 -14.03 0.29 -0.63
C THR A 153 -14.69 0.30 0.74
N ALA A 154 -13.99 0.87 1.72
CA ALA A 154 -14.43 0.90 3.11
C ALA A 154 -14.27 2.32 3.62
N PRO A 155 -15.26 3.19 3.38
CA PRO A 155 -15.15 4.59 3.82
C PRO A 155 -15.56 4.80 5.27
N ALA A 156 -16.16 3.81 5.90
CA ALA A 156 -16.60 3.97 7.27
C ALA A 156 -15.46 3.61 8.23
N GLY A 157 -15.67 3.93 9.50
CA GLY A 157 -14.81 3.45 10.55
C GLY A 157 -15.08 1.98 10.85
N GLU A 158 -14.67 1.55 12.03
CA GLU A 158 -14.78 0.15 12.39
C GLU A 158 -16.24 -0.33 12.35
N VAL A 159 -16.41 -1.61 12.06
CA VAL A 159 -17.75 -2.19 12.01
C VAL A 159 -18.36 -2.22 13.41
N ALA A 160 -19.67 -2.40 13.44
CA ALA A 160 -20.34 -2.72 14.70
C ALA A 160 -19.58 -3.83 15.41
N PRO A 161 -19.47 -3.79 16.74
CA PRO A 161 -20.17 -2.89 17.67
C PRO A 161 -19.55 -1.50 17.85
N ALA A 162 -18.54 -1.13 17.08
CA ALA A 162 -18.00 0.21 17.17
C ALA A 162 -19.04 1.24 16.75
N ASP A 163 -18.87 2.47 17.23
CA ASP A 163 -19.74 3.56 16.82
C ASP A 163 -19.52 3.89 15.34
N PHE A 164 -20.59 4.35 14.68
CA PHE A 164 -20.57 4.58 13.24
C PHE A 164 -19.92 5.92 12.90
N THR A 165 -18.92 5.89 12.01
CA THR A 165 -18.35 7.10 11.45
C THR A 165 -17.99 6.86 9.98
N ILE A 166 -17.86 7.96 9.23
CA ILE A 166 -17.46 7.89 7.82
C ILE A 166 -16.42 8.95 7.52
N SER A 167 -15.57 8.66 6.52
CA SER A 167 -14.38 9.44 6.20
C SER A 167 -14.66 10.59 5.24
N LEU A 168 -15.74 11.33 5.47
CA LEU A 168 -16.05 12.47 4.62
C LEU A 168 -15.08 13.61 4.82
N ASP A 169 -14.57 13.81 6.05
CA ASP A 169 -13.69 14.93 6.34
C ASP A 169 -12.28 14.51 6.71
N GLU A 170 -12.05 13.25 7.08
CA GLU A 170 -10.75 12.75 7.50
C GLU A 170 -10.37 11.54 6.65
N LYS A 171 -9.07 11.33 6.48
CA LYS A 171 -8.57 10.33 5.53
C LYS A 171 -8.29 9.01 6.24
N PHE A 172 -9.37 8.30 6.59
CA PHE A 172 -9.23 6.99 7.21
C PHE A 172 -9.93 5.88 6.44
N GLY A 173 -10.56 6.17 5.30
CA GLY A 173 -11.14 5.11 4.49
C GLY A 173 -10.07 4.22 3.89
N SER A 174 -10.43 2.95 3.70
CA SER A 174 -9.48 1.94 3.28
C SER A 174 -10.03 1.16 2.09
N ILE A 175 -9.13 0.39 1.48
CA ILE A 175 -9.42 -0.46 0.34
C ILE A 175 -9.05 -1.88 0.72
N TYR A 176 -9.92 -2.82 0.41
CA TYR A 176 -9.69 -4.24 0.69
C TYR A 176 -9.79 -5.06 -0.59
N CYS A 177 -9.15 -6.23 -0.56
CA CYS A 177 -9.39 -7.28 -1.55
C CYS A 177 -9.74 -8.56 -0.79
N PHE A 178 -10.93 -9.08 -1.04
CA PHE A 178 -11.34 -10.39 -0.51
C PHE A 178 -11.03 -11.43 -1.58
N THR A 179 -10.03 -12.27 -1.33
CA THR A 179 -9.53 -13.17 -2.37
C THR A 179 -10.36 -14.46 -2.42
N THR A 180 -10.14 -15.22 -3.51
CA THR A 180 -10.83 -16.50 -3.68
C THR A 180 -10.43 -17.53 -2.62
N ASP A 181 -9.29 -17.33 -1.96
CA ASP A 181 -8.87 -18.17 -0.86
C ASP A 181 -9.46 -17.72 0.47
N GLY A 182 -10.30 -16.69 0.46
CA GLY A 182 -10.98 -16.27 1.67
C GLY A 182 -10.20 -15.36 2.58
N GLN A 183 -9.14 -14.74 2.07
CA GLN A 183 -8.40 -13.75 2.83
C GLN A 183 -9.00 -12.37 2.59
N MET A 184 -9.21 -11.63 3.66
CA MET A 184 -9.61 -10.23 3.60
C MET A 184 -8.40 -9.36 3.85
N ILE A 185 -7.82 -8.83 2.78
CA ILE A 185 -6.51 -8.17 2.83
C ILE A 185 -6.72 -6.68 2.60
N GLN A 186 -6.33 -5.86 3.58
CA GLN A 186 -6.31 -4.42 3.36
C GLN A 186 -5.18 -4.08 2.38
N VAL A 187 -5.52 -3.43 1.27
CA VAL A 187 -4.55 -3.17 0.22
C VAL A 187 -4.17 -1.69 0.09
N ASP A 188 -4.94 -0.78 0.68
CA ASP A 188 -4.54 0.62 0.76
C ASP A 188 -5.39 1.28 1.83
N THR A 189 -5.03 2.49 2.20
CA THR A 189 -5.74 3.22 3.24
C THR A 189 -5.52 4.71 3.03
N ALA A 190 -6.06 5.50 3.96
CA ALA A 190 -5.91 6.96 3.97
C ALA A 190 -6.67 7.64 2.83
N PHE A 191 -7.88 7.17 2.56
CA PHE A 191 -8.76 7.78 1.56
C PHE A 191 -9.82 8.65 2.24
N GLN A 192 -10.16 9.76 1.58
CA GLN A 192 -11.26 10.62 2.03
C GLN A 192 -12.56 10.19 1.33
N PRO A 194 -13.58 6.82 0.16
CA PRO A 194 -13.50 5.94 -1.02
C PRO A 194 -14.89 5.43 -1.37
N ALA A 195 -15.29 5.53 -2.63
CA ALA A 195 -16.67 5.20 -3.03
C ALA A 195 -16.65 4.17 -4.14
N GLY A 196 -16.98 4.58 -5.37
CA GLY A 196 -17.04 3.62 -6.46
C GLY A 196 -15.70 2.96 -6.72
N ILE A 197 -15.78 1.74 -7.26
CA ILE A 197 -14.60 0.93 -7.54
C ILE A 197 -14.92 0.05 -8.75
N ALA A 198 -13.94 -0.16 -9.62
CA ALA A 198 -14.15 -0.93 -10.84
C ALA A 198 -12.85 -1.56 -11.28
N VAL A 199 -12.96 -2.69 -11.98
CA VAL A 199 -11.81 -3.40 -12.51
C VAL A 199 -11.82 -3.30 -14.03
N ARG A 200 -10.69 -2.87 -14.59
CA ARG A 200 -10.45 -2.90 -16.03
C ARG A 200 -9.63 -4.14 -16.37
N HIS A 201 -10.11 -4.92 -17.33
CA HIS A 201 -9.45 -6.15 -17.74
C HIS A 201 -8.78 -5.97 -19.09
N MET A 202 -7.70 -6.72 -19.31
CA MET A 202 -7.16 -6.87 -20.65
C MET A 202 -8.21 -7.50 -21.55
N ASN A 203 -8.09 -7.26 -22.86
CA ASN A 203 -9.04 -7.87 -23.77
C ASN A 203 -9.05 -9.39 -23.62
N ASP A 204 -7.93 -9.99 -23.23
CA ASP A 204 -7.88 -11.43 -23.09
C ASP A 204 -8.40 -11.91 -21.73
N GLY A 205 -8.88 -11.00 -20.88
CA GLY A 205 -9.55 -11.36 -19.64
C GLY A 205 -8.73 -11.15 -18.38
N ARG A 206 -7.45 -10.88 -18.49
CA ARG A 206 -6.60 -10.71 -17.31
C ARG A 206 -6.92 -9.40 -16.59
N PRO A 207 -7.09 -9.41 -15.27
CA PRO A 207 -7.27 -8.12 -14.57
C PRO A 207 -6.05 -7.23 -14.79
N TYR A 208 -6.32 -5.98 -15.18
CA TYR A 208 -5.26 -5.04 -15.55
C TYR A 208 -5.18 -3.86 -14.60
N GLN A 209 -6.26 -3.10 -14.43
CA GLN A 209 -6.25 -1.93 -13.57
C GLN A 209 -7.41 -1.95 -12.59
N LEU A 210 -7.17 -1.38 -11.42
CA LEU A 210 -8.20 -1.05 -10.44
C LEU A 210 -8.39 0.45 -10.43
N ILE A 211 -9.64 0.90 -10.54
CA ILE A 211 -10.01 2.30 -10.45
C ILE A 211 -10.79 2.50 -9.16
N VAL A 212 -10.43 3.53 -8.39
CA VAL A 212 -11.08 3.83 -7.13
C VAL A 212 -11.45 5.31 -7.08
N ALA A 213 -12.72 5.59 -6.78
CA ALA A 213 -13.15 6.97 -6.58
C ALA A 213 -12.83 7.40 -5.15
N GLU A 214 -12.11 8.51 -5.01
CA GLU A 214 -11.93 9.15 -3.71
C GLU A 214 -12.88 10.35 -3.73
N GLN A 215 -14.07 10.18 -3.14
CA GLN A 215 -15.15 11.11 -3.45
C GLN A 215 -14.79 12.53 -3.05
N ARG A 216 -14.29 12.72 -1.84
CA ARG A 216 -14.16 14.06 -1.27
C ARG A 216 -12.81 14.70 -1.58
N THR A 217 -12.08 14.19 -2.59
CA THR A 217 -10.99 14.91 -3.21
C THR A 217 -11.22 15.11 -4.70
N LYS A 218 -12.36 14.65 -5.23
CA LYS A 218 -12.70 14.75 -6.65
C LYS A 218 -11.67 14.04 -7.53
N LYS A 219 -11.04 13.00 -7.00
CA LYS A 219 -10.06 12.24 -7.75
C LYS A 219 -10.55 10.82 -8.04
N LEU A 220 -10.12 10.30 -9.17
CA LEU A 220 -10.15 8.88 -9.46
C LEU A 220 -8.72 8.38 -9.48
N TRP A 221 -8.46 7.30 -8.76
CA TRP A 221 -7.15 6.70 -8.63
C TRP A 221 -7.10 5.42 -9.44
N SER A 222 -5.93 5.13 -10.02
CA SER A 222 -5.72 3.84 -10.67
C SER A 222 -4.55 3.12 -10.01
N TYR A 223 -4.62 1.79 -10.06
CA TYR A 223 -3.51 0.92 -9.72
C TYR A 223 -3.37 -0.14 -10.81
N ASP A 224 -2.16 -0.67 -10.96
CA ASP A 224 -1.93 -1.86 -11.77
C ASP A 224 -2.18 -3.09 -10.90
N ILE A 225 -3.03 -4.01 -11.36
CA ILE A 225 -3.29 -5.26 -10.66
C ILE A 225 -2.24 -6.28 -11.09
N LYS A 226 -1.45 -6.77 -10.13
CA LYS A 226 -0.43 -7.77 -10.41
C LYS A 226 -0.83 -9.18 -10.00
N GLY A 227 -1.96 -9.32 -9.33
CA GLY A 227 -2.43 -10.60 -8.87
C GLY A 227 -3.44 -10.40 -7.77
N PRO A 228 -3.92 -11.49 -7.17
CA PRO A 228 -4.89 -11.36 -6.06
C PRO A 228 -4.33 -10.48 -4.96
N ALA A 229 -5.08 -9.42 -4.65
CA ALA A 229 -4.74 -8.46 -3.59
C ALA A 229 -3.40 -7.79 -3.80
N LYS A 230 -2.90 -7.76 -5.04
CA LYS A 230 -1.62 -7.13 -5.36
CA LYS A 230 -1.62 -7.13 -5.36
C LYS A 230 -1.87 -5.96 -6.29
N ILE A 231 -1.73 -4.73 -5.77
CA ILE A 231 -1.87 -3.53 -6.59
C ILE A 231 -0.65 -2.64 -6.41
N GLU A 232 -0.14 -2.10 -7.52
CA GLU A 232 1.01 -1.22 -7.55
C GLU A 232 0.71 -0.05 -8.48
N ASN A 233 1.71 0.81 -8.69
CA ASN A 233 1.62 1.89 -9.68
C ASN A 233 0.42 2.79 -9.40
N LYS A 234 0.23 3.14 -8.12
CA LYS A 234 -0.85 4.04 -7.74
C LYS A 234 -0.62 5.42 -8.33
N LYS A 235 -1.61 5.93 -9.07
CA LYS A 235 -1.50 7.23 -9.69
C LYS A 235 -2.89 7.87 -9.75
N VAL A 236 -2.92 9.19 -9.88
CA VAL A 236 -4.17 9.88 -10.16
C VAL A 236 -4.54 9.62 -11.62
N TRP A 237 -5.73 9.07 -11.85
CA TRP A 237 -6.18 8.61 -13.16
C TRP A 237 -7.16 9.57 -13.81
N GLY A 238 -8.01 10.22 -13.03
CA GLY A 238 -8.98 11.15 -13.59
C GLY A 238 -9.43 12.14 -12.55
N HIS A 239 -10.16 13.16 -13.02
CA HIS A 239 -10.64 14.24 -12.17
C HIS A 239 -12.13 14.44 -12.42
N ILE A 240 -12.87 14.62 -11.34
CA ILE A 240 -14.34 14.73 -11.37
C ILE A 240 -14.72 16.20 -11.39
N PRO A 241 -15.54 16.64 -12.35
CA PRO A 241 -15.96 18.05 -12.38
C PRO A 241 -16.92 18.34 -11.24
N GLY A 242 -17.19 19.64 -11.07
CA GLY A 242 -18.24 20.05 -10.17
C GLY A 242 -17.78 20.89 -9.01
N THR A 243 -18.64 21.80 -8.57
CA THR A 243 -18.40 22.66 -7.41
C THR A 243 -19.19 22.21 -6.20
N HIS A 244 -20.25 21.44 -6.41
CA HIS A 244 -21.10 20.90 -5.38
C HIS A 244 -20.38 20.14 -4.28
N GLU A 245 -21.07 19.92 -3.17
CA GLU A 245 -20.61 18.95 -2.18
C GLU A 245 -20.82 17.54 -2.74
N GLY A 246 -19.79 16.73 -2.67
CA GLY A 246 -19.88 15.36 -3.16
C GLY A 246 -18.76 15.02 -4.12
N GLY A 247 -19.08 14.26 -5.15
CA GLY A 247 -18.08 13.77 -6.06
C GLY A 247 -18.49 12.41 -6.58
N ALA A 248 -17.49 11.67 -7.06
CA ALA A 248 -17.74 10.37 -7.65
C ALA A 248 -18.36 9.43 -6.63
N SER A 249 -19.43 8.75 -7.03
CA SER A 249 -20.03 7.68 -6.24
C SER A 249 -19.81 6.37 -6.97
N GLY A 250 -20.88 5.70 -7.41
CA GLY A 250 -20.73 4.44 -8.11
C GLY A 250 -20.26 4.61 -9.55
N MET A 251 -19.69 3.54 -10.10
CA MET A 251 -19.19 3.58 -11.46
CA MET A 251 -19.04 3.57 -11.40
C MET A 251 -19.08 2.16 -12.02
N ASP A 252 -19.04 2.10 -13.34
CA ASP A 252 -18.92 0.82 -14.03
C ASP A 252 -18.46 1.07 -15.46
N PHE A 253 -17.87 0.03 -16.06
CA PHE A 253 -17.35 0.09 -17.41
C PHE A 253 -18.40 -0.36 -18.43
N ASP A 254 -18.40 0.29 -19.61
CA ASP A 254 -19.12 -0.25 -20.75
C ASP A 254 -18.19 -1.17 -21.54
N GLU A 255 -18.70 -1.76 -22.61
CA GLU A 255 -17.97 -2.84 -23.27
C GLU A 255 -16.75 -2.35 -24.03
N ASP A 256 -16.58 -1.03 -24.17
CA ASP A 256 -15.38 -0.44 -24.75
C ASP A 256 -14.40 0.02 -23.67
N ASN A 257 -14.69 -0.27 -22.40
CA ASN A 257 -13.88 0.17 -21.27
C ASN A 257 -13.91 1.68 -21.08
N ASN A 258 -14.96 2.34 -21.55
CA ASN A 258 -15.28 3.66 -21.03
C ASN A 258 -15.82 3.51 -19.61
N LEU A 259 -15.39 4.37 -18.71
CA LEU A 259 -15.84 4.33 -17.32
C LEU A 259 -16.94 5.37 -17.13
N LEU A 260 -18.12 4.92 -16.74
CA LEU A 260 -19.24 5.80 -16.42
C LEU A 260 -19.30 5.97 -14.90
N VAL A 261 -19.31 7.22 -14.45
CA VAL A 261 -19.11 7.55 -13.05
C VAL A 261 -20.22 8.48 -12.59
N ALA A 262 -21.07 8.00 -11.68
CA ALA A 262 -22.07 8.87 -11.09
C ALA A 262 -21.39 10.00 -10.31
N ASN A 263 -21.85 11.22 -10.51
CA ASN A 263 -21.28 12.39 -9.84
C ASN A 263 -22.34 12.91 -8.88
N TRP A 264 -22.31 12.39 -7.66
CA TRP A 264 -23.25 12.74 -6.61
C TRP A 264 -23.22 14.25 -6.36
N GLY A 265 -24.39 14.88 -6.49
CA GLY A 265 -24.54 16.30 -6.29
C GLY A 265 -24.37 17.16 -7.52
N SER A 266 -24.00 16.59 -8.66
CA SER A 266 -23.73 17.36 -9.87
C SER A 266 -24.79 17.20 -10.95
N SER A 267 -25.74 16.30 -10.78
CA SER A 267 -26.80 16.00 -11.75
C SER A 267 -26.27 15.36 -13.02
N HIS A 268 -25.08 14.75 -12.98
CA HIS A 268 -24.49 14.15 -14.15
C HIS A 268 -23.83 12.82 -13.83
N ILE A 269 -23.80 11.95 -14.85
CA ILE A 269 -22.89 10.82 -14.90
C ILE A 269 -21.78 11.20 -15.87
N GLU A 270 -20.53 11.08 -15.41
CA GLU A 270 -19.36 11.42 -16.23
C GLU A 270 -18.92 10.20 -17.02
N VAL A 271 -18.41 10.43 -18.22
CA VAL A 271 -17.93 9.34 -19.08
C VAL A 271 -16.45 9.58 -19.35
N PHE A 272 -15.61 8.66 -18.88
CA PHE A 272 -14.17 8.71 -19.10
C PHE A 272 -13.78 7.68 -20.15
N GLY A 273 -12.83 8.04 -21.00
CA GLY A 273 -12.22 7.09 -21.90
C GLY A 273 -11.29 6.17 -21.15
N PRO A 274 -10.77 5.15 -21.84
CA PRO A 274 -9.95 4.14 -21.15
C PRO A 274 -8.74 4.69 -20.43
N ASP A 275 -8.23 5.85 -20.84
CA ASP A 275 -7.02 6.42 -20.27
C ASP A 275 -7.31 7.53 -19.26
N GLY A 276 -8.57 7.71 -18.87
CA GLY A 276 -8.85 8.64 -17.79
C GLY A 276 -8.68 10.09 -18.20
N GLY A 277 -8.21 10.90 -17.25
CA GLY A 277 -8.06 12.32 -17.47
C GLY A 277 -9.32 13.08 -17.08
N GLN A 278 -9.79 13.89 -17.98
CA GLN A 278 -11.07 14.57 -17.82
C GLN A 278 -12.16 13.80 -18.55
N PRO A 279 -13.42 13.93 -18.10
CA PRO A 279 -14.51 13.29 -18.84
C PRO A 279 -14.51 13.72 -20.30
N LYS A 280 -14.72 12.77 -21.20
CA LYS A 280 -14.89 13.08 -22.61
C LYS A 280 -16.35 13.35 -22.96
N MET A 281 -17.29 13.05 -22.08
CA MET A 281 -18.69 13.38 -22.30
C MET A 281 -19.38 13.32 -20.95
N ARG A 282 -20.51 14.00 -20.85
CA ARG A 282 -21.33 13.97 -19.64
C ARG A 282 -22.74 13.55 -20.00
N ILE A 283 -23.39 12.88 -19.06
CA ILE A 283 -24.77 12.43 -19.20
C ILE A 283 -25.61 13.21 -18.20
N ARG A 284 -26.48 14.09 -18.70
CA ARG A 284 -27.35 14.84 -17.82
C ARG A 284 -28.45 13.94 -17.26
N CYS A 285 -28.64 13.99 -15.93
CA CYS A 285 -29.68 13.28 -15.21
C CYS A 285 -30.77 14.24 -14.76
N PRO A 286 -32.03 13.78 -14.68
CA PRO A 286 -33.10 14.64 -14.15
C PRO A 286 -33.18 14.62 -12.64
N PHE A 287 -32.02 14.53 -11.98
CA PHE A 287 -31.93 14.52 -10.52
C PHE A 287 -30.49 14.83 -10.14
N GLU A 288 -30.30 15.28 -8.90
CA GLU A 288 -29.03 15.85 -8.50
C GLU A 288 -28.00 14.82 -8.05
N LYS A 289 -28.43 13.75 -7.39
CA LYS A 289 -27.52 12.92 -6.59
C LYS A 289 -27.51 11.45 -7.02
N PRO A 290 -27.05 11.16 -8.23
CA PRO A 290 -26.85 9.75 -8.60
C PRO A 290 -25.86 9.09 -7.65
N SER A 291 -26.24 7.94 -7.10
CA SER A 291 -25.43 7.25 -6.12
C SER A 291 -24.76 5.99 -6.65
N ALA A 292 -25.31 5.37 -7.68
CA ALA A 292 -24.77 4.12 -8.17
C ALA A 292 -25.42 3.84 -9.51
N LEU A 293 -24.77 2.98 -10.29
CA LEU A 293 -25.32 2.56 -11.58
C LEU A 293 -24.85 1.16 -11.89
N HIS A 294 -25.60 0.48 -12.75
CA HIS A 294 -25.34 -0.90 -13.09
C HIS A 294 -26.05 -1.20 -14.41
N PHE A 295 -25.34 -1.85 -15.32
CA PHE A 295 -25.95 -2.26 -16.57
C PHE A 295 -26.83 -3.49 -16.38
N LYS A 296 -27.91 -3.55 -17.14
CA LYS A 296 -28.65 -4.80 -17.28
C LYS A 296 -27.90 -5.72 -18.25
N PRO A 297 -27.69 -6.99 -17.89
CA PRO A 297 -26.83 -7.85 -18.71
C PRO A 297 -27.29 -7.94 -20.16
N GLN A 298 -26.31 -7.87 -21.06
CA GLN A 298 -26.52 -8.02 -22.50
C GLN A 298 -27.40 -6.94 -23.10
N THR A 299 -27.46 -5.77 -22.44
CA THR A 299 -28.22 -4.65 -22.97
C THR A 299 -27.41 -3.38 -22.82
N LYS A 300 -27.92 -2.30 -23.42
CA LYS A 300 -27.38 -0.96 -23.25
C LYS A 300 -28.07 -0.21 -22.12
N THR A 301 -28.92 -0.88 -21.34
CA THR A 301 -29.73 -0.23 -20.32
C THR A 301 -28.96 -0.12 -19.02
N ILE A 302 -28.86 1.10 -18.50
CA ILE A 302 -28.21 1.38 -17.22
C ILE A 302 -29.28 1.74 -16.20
N PHE A 303 -29.27 1.05 -15.06
CA PHE A 303 -30.13 1.35 -13.93
C PHE A 303 -29.36 2.23 -12.96
N VAL A 304 -29.98 3.32 -12.51
CA VAL A 304 -29.33 4.35 -11.71
C VAL A 304 -30.16 4.60 -10.45
N THR A 305 -29.50 4.53 -9.29
CA THR A 305 -30.09 4.92 -8.02
C THR A 305 -29.72 6.37 -7.72
N GLU A 306 -30.62 7.08 -7.02
CA GLU A 306 -30.33 8.48 -6.72
C GLU A 306 -31.00 8.92 -5.43
N HIS A 307 -30.36 9.89 -4.77
CA HIS A 307 -30.69 10.30 -3.41
C HIS A 307 -31.46 11.62 -3.35
N GLU A 308 -31.73 12.26 -4.49
CA GLU A 308 -32.65 13.41 -4.46
C GLU A 308 -34.06 12.93 -4.15
N ASN A 309 -34.52 11.91 -4.85
CA ASN A 309 -35.84 11.33 -4.63
C ASN A 309 -35.79 9.96 -3.97
N ASN A 310 -34.60 9.42 -3.72
CA ASN A 310 -34.47 8.07 -3.17
C ASN A 310 -35.22 7.07 -4.04
N ALA A 311 -34.81 7.03 -5.31
CA ALA A 311 -35.54 6.31 -6.34
C ALA A 311 -34.57 5.66 -7.32
N VAL A 312 -35.12 4.84 -8.21
CA VAL A 312 -34.35 4.13 -9.22
C VAL A 312 -34.92 4.45 -10.60
N TRP A 313 -34.02 4.68 -11.56
CA TRP A 313 -34.37 4.99 -12.93
C TRP A 313 -33.59 4.09 -13.88
N LYS A 314 -33.95 4.16 -15.16
CA LYS A 314 -33.14 3.52 -16.21
C LYS A 314 -33.06 4.43 -17.42
N PHE A 315 -31.97 4.31 -18.16
CA PHE A 315 -31.81 5.00 -19.44
C PHE A 315 -30.97 4.11 -20.36
N GLU A 316 -30.98 4.46 -21.64
CA GLU A 316 -30.27 3.71 -22.67
C GLU A 316 -28.94 4.38 -22.96
N TRP A 317 -27.84 3.64 -22.80
CA TRP A 317 -26.50 4.09 -23.14
C TRP A 317 -26.21 3.74 -24.60
N GLN A 318 -25.04 4.13 -25.07
CA GLN A 318 -24.68 3.99 -26.48
C GLN A 318 -24.27 2.58 -26.85
N ARG A 319 -23.94 1.76 -25.87
CA ARG A 319 -23.46 0.41 -26.13
C ARG A 319 -23.65 -0.42 -24.87
N ASN A 320 -23.48 -1.72 -25.03
CA ASN A 320 -23.66 -2.65 -23.92
C ASN A 320 -22.63 -2.39 -22.82
N GLY A 321 -22.95 -2.90 -21.63
CA GLY A 321 -22.00 -2.85 -20.53
C GLY A 321 -20.91 -3.89 -20.67
N LYS A 322 -19.81 -3.67 -19.95
CA LYS A 322 -18.80 -4.69 -19.80
C LYS A 322 -19.39 -5.88 -19.04
N LYS A 323 -19.14 -7.08 -19.54
CA LYS A 323 -19.64 -8.27 -18.86
C LYS A 323 -19.17 -8.29 -17.42
N GLN A 324 -20.07 -8.62 -16.50
CA GLN A 324 -19.70 -8.78 -15.11
C GLN A 324 -19.19 -10.20 -14.84
N TYR A 325 -18.49 -10.34 -13.72
CA TYR A 325 -17.98 -11.65 -13.31
C TYR A 325 -19.07 -12.71 -13.33
N CYS A 326 -20.26 -12.37 -12.86
CA CYS A 326 -21.32 -13.38 -12.77
C CYS A 326 -21.80 -13.84 -14.14
N GLU A 327 -21.44 -13.15 -15.21
CA GLU A 327 -21.80 -13.59 -16.57
C GLU A 327 -20.67 -14.33 -17.27
N THR A 328 -19.51 -14.47 -16.63
CA THR A 328 -18.39 -15.18 -17.23
C THR A 328 -18.43 -16.66 -16.85
N GLU B 22 2.34 15.43 -13.10
CA GLU B 22 3.42 14.66 -12.48
C GLU B 22 4.13 15.47 -11.39
N ILE B 23 4.63 14.79 -10.37
CA ILE B 23 5.24 15.50 -9.24
C ILE B 23 6.59 16.08 -9.64
N PRO B 24 7.09 17.09 -8.93
CA PRO B 24 8.35 17.71 -9.32
C PRO B 24 9.54 16.77 -9.16
N VAL B 25 10.49 16.92 -10.07
CA VAL B 25 11.76 16.20 -10.06
C VAL B 25 12.89 17.21 -10.09
N ILE B 26 13.87 17.05 -9.19
CA ILE B 26 15.07 17.87 -9.23
C ILE B 26 16.24 17.00 -9.67
N GLU B 27 17.26 17.65 -10.24
CA GLU B 27 18.43 16.97 -10.79
C GLU B 27 19.70 17.61 -10.23
N PRO B 28 19.98 17.39 -8.94
CA PRO B 28 21.21 17.91 -8.35
C PRO B 28 22.44 17.24 -8.95
N LEU B 29 23.57 17.91 -8.79
CA LEU B 29 24.84 17.39 -9.26
C LEU B 29 25.30 16.25 -8.35
N PHE B 30 25.53 15.08 -8.93
CA PHE B 30 26.13 13.94 -8.25
C PHE B 30 27.63 13.92 -8.54
N THR B 31 28.43 13.79 -7.50
CA THR B 31 29.89 13.73 -7.62
C THR B 31 30.35 12.33 -7.23
N LYS B 32 31.20 11.74 -8.05
CA LYS B 32 31.73 10.41 -7.77
C LYS B 32 32.65 10.45 -6.56
N VAL B 33 32.49 9.46 -5.68
CA VAL B 33 33.32 9.32 -4.48
C VAL B 33 34.32 8.19 -4.63
N THR B 34 33.86 7.02 -5.04
CA THR B 34 34.72 5.86 -5.24
C THR B 34 33.98 4.88 -6.14
N GLU B 35 34.72 3.92 -6.67
CA GLU B 35 34.17 3.00 -7.64
C GLU B 35 34.77 1.61 -7.46
N ASP B 36 34.25 0.66 -8.24
CA ASP B 36 34.69 -0.73 -8.22
C ASP B 36 34.43 -1.37 -6.86
N ILE B 37 33.19 -1.25 -6.40
CA ILE B 37 32.72 -1.86 -5.16
C ILE B 37 31.53 -2.75 -5.50
N PRO B 38 31.76 -4.06 -5.67
CA PRO B 38 30.63 -4.95 -6.03
C PRO B 38 29.49 -4.87 -5.03
N GLY B 39 28.32 -4.46 -5.53
CA GLY B 39 27.15 -4.38 -4.68
C GLY B 39 27.17 -3.29 -3.64
N ALA B 40 27.95 -2.23 -3.87
CA ALA B 40 28.14 -1.16 -2.91
C ALA B 40 26.88 -0.84 -2.14
N ALA B 41 26.99 -0.81 -0.82
CA ALA B 41 25.86 -0.55 0.05
C ALA B 41 26.40 -0.08 1.41
N GLY B 42 25.48 0.12 2.36
CA GLY B 42 25.83 0.39 3.73
C GLY B 42 26.74 1.57 3.99
N PRO B 43 26.47 2.72 3.36
CA PRO B 43 27.27 3.92 3.68
C PRO B 43 27.03 4.32 5.13
N VAL B 44 28.11 4.69 5.82
CA VAL B 44 28.03 5.03 7.23
C VAL B 44 29.25 5.85 7.61
N PHE B 45 29.06 6.77 8.55
CA PHE B 45 30.14 7.54 9.17
C PHE B 45 30.30 7.12 10.62
N ASP B 46 31.55 6.92 11.06
CA ASP B 46 31.77 6.55 12.46
C ASP B 46 31.96 7.82 13.29
N LYS B 47 32.26 7.63 14.58
CA LYS B 47 32.30 8.74 15.52
C LYS B 47 33.44 9.70 15.24
N ASN B 48 34.45 9.29 14.47
CA ASN B 48 35.55 10.17 14.08
C ASN B 48 35.34 10.83 12.73
N GLY B 49 34.22 10.56 12.06
CA GLY B 49 33.97 11.09 10.73
C GLY B 49 34.54 10.26 9.60
N ASP B 50 35.15 9.11 9.90
CA ASP B 50 35.59 8.24 8.84
C ASP B 50 34.39 7.60 8.15
N PHE B 51 34.53 7.34 6.86
CA PHE B 51 33.43 6.87 6.01
C PHE B 51 33.67 5.42 5.61
N TYR B 52 32.62 4.61 5.73
CA TYR B 52 32.69 3.19 5.42
C TYR B 52 31.58 2.81 4.46
N ILE B 53 31.81 1.76 3.68
CA ILE B 53 30.77 1.10 2.90
C ILE B 53 31.01 -0.40 2.98
N VAL B 54 30.01 -1.17 2.54
CA VAL B 54 30.12 -2.61 2.47
C VAL B 54 30.02 -3.05 1.02
N ALA B 55 30.68 -4.16 0.71
CA ALA B 55 30.74 -4.72 -0.64
C ALA B 55 30.16 -6.12 -0.59
N PRO B 56 28.82 -6.25 -0.62
CA PRO B 56 28.21 -7.58 -0.39
C PRO B 56 28.51 -8.59 -1.46
N TYR B 57 28.72 -8.15 -2.70
CA TYR B 57 28.86 -9.06 -3.82
C TYR B 57 30.30 -9.48 -4.09
N VAL B 58 31.27 -9.06 -3.28
CA VAL B 58 32.63 -9.52 -3.51
C VAL B 58 32.62 -11.04 -3.42
N GLU B 59 33.23 -11.70 -4.39
CA GLU B 59 33.29 -13.15 -4.46
C GLU B 59 34.73 -13.58 -4.65
N VAL B 60 35.07 -14.77 -4.14
CA VAL B 60 36.36 -15.39 -4.34
C VAL B 60 36.11 -16.84 -4.69
N ASN B 61 36.60 -17.29 -5.85
CA ASN B 61 36.43 -18.67 -6.30
C ASN B 61 34.96 -19.06 -6.40
N GLY B 62 34.10 -18.11 -6.77
CA GLY B 62 32.69 -18.37 -6.97
C GLY B 62 31.82 -18.36 -5.73
N LYS B 63 32.34 -17.88 -4.59
CA LYS B 63 31.61 -17.94 -3.33
C LYS B 63 31.66 -16.59 -2.63
N PRO B 64 30.67 -16.27 -1.79
CA PRO B 64 30.67 -14.97 -1.11
C PRO B 64 31.97 -14.72 -0.35
N ALA B 65 32.44 -13.48 -0.43
CA ALA B 65 33.67 -13.05 0.24
C ALA B 65 33.54 -11.56 0.54
N GLY B 66 32.40 -11.17 1.13
CA GLY B 66 32.08 -9.77 1.27
C GLY B 66 33.00 -9.04 2.22
N GLU B 67 33.08 -7.72 2.01
CA GLU B 67 34.06 -6.89 2.69
C GLU B 67 33.41 -5.65 3.29
N ILE B 68 33.99 -5.20 4.40
CA ILE B 68 33.69 -3.89 5.00
C ILE B 68 34.90 -3.00 4.75
N LEU B 69 34.66 -1.85 4.14
CA LEU B 69 35.73 -0.99 3.65
C LEU B 69 35.64 0.40 4.26
N ARG B 70 36.80 1.00 4.52
CA ARG B 70 36.91 2.42 4.82
C ARG B 70 37.38 3.16 3.57
N ILE B 71 36.77 4.30 3.29
CA ILE B 71 37.01 5.04 2.06
C ILE B 71 37.68 6.36 2.40
N ASP B 72 38.82 6.63 1.75
CA ASP B 72 39.47 7.94 1.85
C ASP B 72 38.71 8.91 0.94
N LEU B 73 38.01 9.86 1.55
CA LEU B 73 37.09 10.69 0.78
C LEU B 73 37.80 11.60 -0.20
N LYS B 74 39.08 11.90 0.02
CA LYS B 74 39.82 12.76 -0.90
C LYS B 74 40.32 12.01 -2.12
N THR B 75 40.68 10.73 -1.97
CA THR B 75 41.27 9.96 -3.05
C THR B 75 40.36 8.87 -3.60
N GLY B 76 39.33 8.48 -2.86
CA GLY B 76 38.52 7.34 -3.24
C GLY B 76 39.15 6.00 -2.91
N LYS B 77 40.35 6.00 -2.35
CA LYS B 77 41.05 4.76 -2.08
C LYS B 77 40.37 3.97 -0.97
N LYS B 78 40.45 2.65 -1.08
CA LYS B 78 39.71 1.71 -0.25
C LYS B 78 40.67 0.98 0.67
N THR B 79 40.29 0.85 1.94
CA THR B 79 41.01 0.02 2.91
C THR B 79 40.06 -1.06 3.41
N VAL B 80 40.52 -2.31 3.38
CA VAL B 80 39.72 -3.42 3.88
C VAL B 80 39.80 -3.43 5.41
N ILE B 81 38.65 -3.20 6.05
CA ILE B 81 38.55 -3.24 7.51
C ILE B 81 38.28 -4.65 8.00
N CYS B 82 37.37 -5.37 7.33
CA CYS B 82 36.94 -6.68 7.78
C CYS B 82 36.45 -7.49 6.60
N LYS B 83 36.88 -8.76 6.55
CA LYS B 83 36.37 -9.75 5.59
C LYS B 83 35.74 -10.85 6.42
N PRO B 84 34.49 -10.68 6.86
CA PRO B 84 33.92 -11.62 7.83
C PRO B 84 33.72 -13.00 7.23
N GLU B 85 34.06 -14.02 8.00
CA GLU B 85 33.73 -15.39 7.64
C GLU B 85 33.52 -16.19 8.91
N VAL B 86 32.56 -17.09 8.86
CA VAL B 86 32.19 -17.97 9.97
C VAL B 86 32.18 -19.39 9.43
N ASN B 87 33.12 -20.22 9.92
CA ASN B 87 33.17 -21.63 9.53
C ASN B 87 33.36 -21.79 8.03
N GLY B 88 34.15 -20.90 7.43
CA GLY B 88 34.45 -20.97 6.03
C GLY B 88 33.45 -20.31 5.12
N TYR B 89 32.35 -19.80 5.66
CA TYR B 89 31.36 -19.09 4.87
C TYR B 89 31.67 -17.60 4.92
N GLY B 90 31.88 -17.02 3.75
CA GLY B 90 32.02 -15.58 3.68
C GLY B 90 30.70 -14.85 3.79
N GLY B 91 30.81 -13.55 4.05
CA GLY B 91 29.64 -12.74 4.29
C GLY B 91 29.13 -12.03 3.05
N ILE B 92 27.89 -11.57 3.14
CA ILE B 92 27.28 -10.70 2.15
C ILE B 92 26.83 -9.47 2.94
N PRO B 93 27.77 -8.66 3.44
CA PRO B 93 27.39 -7.49 4.24
C PRO B 93 26.65 -6.47 3.38
N ALA B 94 25.50 -5.99 3.87
CA ALA B 94 24.60 -5.21 3.04
C ALA B 94 24.09 -3.91 3.66
N GLY B 95 24.27 -3.68 4.96
CA GLY B 95 23.84 -2.45 5.59
C GLY B 95 24.59 -2.23 6.88
N CYS B 96 24.61 -0.98 7.35
CA CYS B 96 25.44 -0.62 8.49
CA CYS B 96 25.44 -0.61 8.49
C CYS B 96 24.82 0.50 9.32
N GLN B 97 25.10 0.46 10.62
CA GLN B 97 24.79 1.51 11.56
C GLN B 97 25.99 1.65 12.50
N CYS B 98 26.34 2.89 12.84
CA CYS B 98 27.35 3.15 13.85
C CYS B 98 26.72 3.24 15.24
N ASP B 99 27.40 2.67 16.22
CA ASP B 99 26.96 2.68 17.60
C ASP B 99 27.23 4.05 18.23
N ARG B 100 26.57 4.29 19.37
CA ARG B 100 26.75 5.56 20.07
C ARG B 100 27.82 5.48 21.14
N ASP B 101 27.75 4.50 22.03
CA ASP B 101 28.62 4.49 23.21
C ASP B 101 29.99 3.90 22.92
N ALA B 102 30.16 3.19 21.81
CA ALA B 102 31.46 2.69 21.37
C ALA B 102 31.57 2.93 19.87
N ASN B 103 32.78 3.15 19.40
CA ASN B 103 32.99 3.35 17.97
C ASN B 103 33.12 1.99 17.29
N GLN B 104 31.97 1.36 17.07
CA GLN B 104 31.87 0.07 16.42
C GLN B 104 30.70 0.09 15.46
N LEU B 105 30.75 -0.78 14.46
CA LEU B 105 29.76 -0.81 13.41
C LEU B 105 28.89 -2.06 13.56
N PHE B 106 27.57 -1.87 13.50
CA PHE B 106 26.63 -2.97 13.39
C PHE B 106 26.36 -3.20 11.91
N VAL B 107 26.58 -4.43 11.44
CA VAL B 107 26.54 -4.76 10.03
C VAL B 107 25.51 -5.84 9.81
N ALA B 108 24.51 -5.54 8.98
CA ALA B 108 23.51 -6.51 8.54
C ALA B 108 24.09 -7.30 7.39
N ASP B 109 24.24 -8.61 7.58
CA ASP B 109 24.90 -9.48 6.61
C ASP B 109 23.91 -10.54 6.13
N ALA B 110 23.73 -10.63 4.82
CA ALA B 110 22.70 -11.50 4.26
C ALA B 110 23.06 -12.97 4.33
N ARG B 111 24.32 -13.31 4.60
CA ARG B 111 24.75 -14.68 4.84
C ARG B 111 24.97 -15.00 6.31
N LEU B 112 25.41 -14.03 7.12
CA LEU B 112 25.84 -14.31 8.47
C LEU B 112 24.94 -13.71 9.55
N GLY B 113 23.97 -12.90 9.19
CA GLY B 113 23.10 -12.30 10.16
C GLY B 113 23.64 -10.97 10.64
N LEU B 114 23.42 -10.63 11.91
CA LEU B 114 23.86 -9.35 12.44
C LEU B 114 25.26 -9.50 13.04
N LEU B 115 26.18 -8.67 12.57
CA LEU B 115 27.55 -8.64 13.07
C LEU B 115 27.81 -7.32 13.80
N VAL B 116 28.73 -7.36 14.75
CA VAL B 116 29.28 -6.15 15.33
C VAL B 116 30.78 -6.16 15.02
N VAL B 117 31.26 -5.08 14.40
CA VAL B 117 32.56 -5.04 13.75
C VAL B 117 33.37 -3.91 14.37
N GLN B 118 34.60 -4.21 14.77
CA GLN B 118 35.50 -3.21 15.30
C GLN B 118 36.37 -2.64 14.17
N THR B 119 36.95 -1.46 14.43
CA THR B 119 37.80 -0.84 13.42
C THR B 119 39.12 -1.58 13.23
N ASP B 120 39.51 -2.44 14.17
CA ASP B 120 40.69 -3.28 14.00
C ASP B 120 40.36 -4.57 13.26
N GLY B 121 39.15 -4.72 12.72
CA GLY B 121 38.79 -5.84 11.91
C GLY B 121 38.21 -7.03 12.64
N THR B 122 38.26 -7.06 13.97
CA THR B 122 37.61 -8.14 14.69
C THR B 122 36.10 -7.94 14.66
N PHE B 123 35.38 -9.04 14.82
CA PHE B 123 33.93 -8.99 14.74
C PHE B 123 33.33 -10.16 15.50
N GLU B 124 32.06 -10.01 15.85
CA GLU B 124 31.31 -11.02 16.57
CA GLU B 124 31.31 -11.02 16.57
C GLU B 124 29.96 -11.21 15.92
N GLU B 125 29.43 -12.43 16.03
CA GLU B 125 28.11 -12.79 15.55
C GLU B 125 27.13 -12.57 16.71
N ILE B 126 26.24 -11.59 16.56
CA ILE B 126 25.41 -11.17 17.68
C ILE B 126 24.50 -12.29 18.14
N ALA B 127 23.87 -12.99 17.21
CA ALA B 127 22.81 -13.94 17.56
C ALA B 127 23.05 -15.27 16.86
N LYS B 128 23.28 -16.32 17.65
CA LYS B 128 23.30 -17.66 17.10
C LYS B 128 21.89 -18.22 16.94
N LYS B 129 20.93 -17.70 17.71
CA LYS B 129 19.52 -17.97 17.58
C LYS B 129 18.77 -16.68 17.92
N ASP B 130 17.52 -16.57 17.48
CA ASP B 130 16.72 -15.44 17.94
C ASP B 130 16.15 -15.77 19.33
N SER B 131 15.37 -14.84 19.89
CA SER B 131 14.94 -14.97 21.27
C SER B 131 13.96 -16.11 21.48
N GLU B 132 13.38 -16.66 20.41
CA GLU B 132 12.51 -17.82 20.50
C GLU B 132 13.23 -19.11 20.08
N GLY B 133 14.55 -19.06 19.94
CA GLY B 133 15.34 -20.24 19.64
C GLY B 133 15.40 -20.64 18.19
N ARG B 134 14.92 -19.78 17.29
CA ARG B 134 14.97 -20.10 15.87
C ARG B 134 16.31 -19.69 15.27
N ARG B 135 16.73 -20.43 14.25
CA ARG B 135 17.86 -20.00 13.44
C ARG B 135 17.58 -18.63 12.85
N MET B 136 18.64 -17.82 12.73
CA MET B 136 18.50 -16.49 12.16
C MET B 136 18.42 -16.50 10.65
N GLN B 137 17.79 -15.46 10.12
CA GLN B 137 17.78 -15.15 8.71
C GLN B 137 18.85 -14.09 8.40
N GLY B 138 19.34 -14.12 7.18
CA GLY B 138 20.29 -13.12 6.74
C GLY B 138 19.65 -11.75 6.71
N CYS B 139 20.40 -10.75 7.19
CA CYS B 139 19.93 -9.39 7.34
C CYS B 139 20.53 -8.49 6.27
N ALA B 140 19.86 -7.37 6.02
CA ALA B 140 20.27 -6.45 4.96
C ALA B 140 20.35 -4.98 5.36
N TYR B 141 19.32 -4.43 6.00
CA TYR B 141 19.32 -3.03 6.42
C TYR B 141 19.05 -2.94 7.91
N CYS B 142 19.54 -1.88 8.55
CA CYS B 142 19.24 -1.68 9.95
C CYS B 142 19.28 -0.19 10.28
N ALA B 143 18.58 0.15 11.37
CA ALA B 143 18.44 1.52 11.82
C ALA B 143 18.28 1.53 13.33
N PHE B 144 19.14 2.28 14.00
CA PHE B 144 19.00 2.53 15.43
C PHE B 144 17.91 3.56 15.68
N ASP B 145 17.08 3.31 16.70
CA ASP B 145 16.27 4.39 17.25
C ASP B 145 17.05 5.07 18.38
N TYR B 146 16.52 6.20 18.84
CA TYR B 146 17.26 6.99 19.81
C TYR B 146 17.34 6.33 21.17
N GLU B 147 16.54 5.30 21.43
CA GLU B 147 16.65 4.52 22.66
CA GLU B 147 16.65 4.52 22.66
C GLU B 147 17.66 3.39 22.54
N GLY B 148 18.30 3.24 21.39
CA GLY B 148 19.34 2.24 21.22
C GLY B 148 18.88 0.90 20.71
N ASN B 149 17.60 0.75 20.37
CA ASN B 149 17.15 -0.47 19.73
C ASN B 149 17.55 -0.45 18.25
N LEU B 150 17.92 -1.60 17.73
CA LEU B 150 18.35 -1.73 16.34
C LEU B 150 17.28 -2.50 15.57
N TRP B 151 16.57 -1.80 14.70
CA TRP B 151 15.54 -2.39 13.85
C TRP B 151 16.17 -2.86 12.55
N ILE B 152 15.87 -4.10 12.17
CA ILE B 152 16.62 -4.81 11.15
C ILE B 152 15.67 -5.51 10.19
N THR B 153 15.94 -5.38 8.90
CA THR B 153 15.25 -6.19 7.90
C THR B 153 16.11 -7.40 7.53
N ALA B 154 15.43 -8.51 7.26
CA ALA B 154 16.05 -9.79 6.98
C ALA B 154 15.39 -10.38 5.74
N PRO B 155 15.81 -9.95 4.54
CA PRO B 155 15.17 -10.44 3.31
C PRO B 155 15.67 -11.80 2.86
N ALA B 156 16.77 -12.29 3.42
CA ALA B 156 17.31 -13.58 3.06
C ALA B 156 16.64 -14.68 3.89
N GLY B 157 16.85 -15.91 3.46
CA GLY B 157 16.47 -17.06 4.26
C GLY B 157 17.45 -17.29 5.39
N GLU B 158 17.49 -18.50 5.93
CA GLU B 158 18.35 -18.79 7.06
C GLU B 158 19.80 -18.51 6.73
N VAL B 159 20.57 -18.19 7.78
CA VAL B 159 21.98 -17.89 7.61
C VAL B 159 22.76 -19.15 7.25
N ALA B 160 23.98 -18.96 6.77
CA ALA B 160 24.90 -20.07 6.58
C ALA B 160 24.91 -20.96 7.82
N PRO B 161 24.99 -22.29 7.68
CA PRO B 161 25.27 -23.07 6.46
C PRO B 161 24.06 -23.35 5.57
N ALA B 162 22.92 -22.75 5.84
CA ALA B 162 21.78 -22.94 4.95
C ALA B 162 22.08 -22.36 3.57
N ASP B 163 21.49 -22.96 2.54
CA ASP B 163 21.65 -22.41 1.20
C ASP B 163 21.17 -20.97 1.16
N PHE B 164 21.89 -20.13 0.42
CA PHE B 164 21.50 -18.73 0.30
C PHE B 164 20.24 -18.59 -0.56
N THR B 165 19.23 -17.90 -0.01
CA THR B 165 18.01 -17.58 -0.72
C THR B 165 17.60 -16.16 -0.34
N ILE B 166 16.90 -15.48 -1.25
CA ILE B 166 16.36 -14.15 -0.95
C ILE B 166 14.92 -14.08 -1.41
N SER B 167 14.13 -13.26 -0.72
CA SER B 167 12.68 -13.18 -0.90
C SER B 167 12.25 -12.24 -2.01
N LEU B 168 12.93 -12.29 -3.16
CA LEU B 168 12.51 -11.45 -4.28
C LEU B 168 11.15 -11.88 -4.82
N ASP B 169 10.82 -13.16 -4.73
CA ASP B 169 9.63 -13.73 -5.35
C ASP B 169 8.65 -14.35 -4.36
N GLU B 170 9.15 -14.90 -3.25
CA GLU B 170 8.30 -15.49 -2.22
C GLU B 170 8.44 -14.69 -0.93
N LYS B 171 7.37 -14.66 -0.14
CA LYS B 171 7.29 -13.75 1.01
C LYS B 171 7.78 -14.45 2.27
N PHE B 172 9.10 -14.60 2.39
CA PHE B 172 9.69 -15.15 3.61
C PHE B 172 10.69 -14.19 4.27
N GLY B 173 10.78 -12.94 3.82
CA GLY B 173 11.58 -11.97 4.53
C GLY B 173 10.98 -11.59 5.87
N SER B 174 11.84 -11.27 6.83
CA SER B 174 11.42 -10.97 8.19
C SER B 174 12.01 -9.66 8.69
N ILE B 175 11.50 -9.25 9.86
CA ILE B 175 11.89 -8.03 10.54
CA ILE B 175 11.92 -8.04 10.54
C ILE B 175 12.29 -8.40 11.96
N TYR B 176 13.43 -7.88 12.43
CA TYR B 176 13.88 -8.09 13.80
C TYR B 176 14.01 -6.76 14.51
N CYS B 177 13.95 -6.80 15.83
CA CYS B 177 14.41 -5.71 16.68
C CYS B 177 15.43 -6.30 17.65
N PHE B 178 16.68 -5.82 17.55
CA PHE B 178 17.73 -6.14 18.52
C PHE B 178 17.65 -5.06 19.59
N THR B 179 17.03 -5.40 20.72
CA THR B 179 16.68 -4.38 21.70
C THR B 179 17.92 -3.84 22.41
N THR B 180 17.77 -2.63 22.96
CA THR B 180 18.83 -2.05 23.78
C THR B 180 19.29 -3.01 24.87
N ASP B 181 18.34 -3.77 25.43
CA ASP B 181 18.64 -4.66 26.53
C ASP B 181 19.28 -5.97 26.05
N GLY B 182 19.36 -6.19 24.75
CA GLY B 182 20.17 -7.23 24.18
C GLY B 182 19.45 -8.46 23.66
N GLN B 183 18.15 -8.36 23.38
CA GLN B 183 17.38 -9.49 22.88
C GLN B 183 17.19 -9.35 21.37
N MET B 184 17.45 -10.42 20.63
CA MET B 184 17.25 -10.39 19.19
C MET B 184 15.85 -10.98 18.96
N ILE B 185 14.88 -10.11 18.68
CA ILE B 185 13.47 -10.51 18.67
C ILE B 185 12.93 -10.34 17.26
N GLN B 186 12.41 -11.43 16.69
CA GLN B 186 11.67 -11.34 15.45
C GLN B 186 10.32 -10.67 15.70
N VAL B 187 10.01 -9.63 14.93
CA VAL B 187 8.80 -8.85 15.17
C VAL B 187 7.77 -8.93 14.04
N ASP B 188 8.17 -9.31 12.82
CA ASP B 188 7.18 -9.59 11.79
C ASP B 188 7.85 -10.49 10.75
N THR B 189 7.04 -11.04 9.86
CA THR B 189 7.55 -11.88 8.79
CA THR B 189 7.54 -11.89 8.80
C THR B 189 6.66 -11.74 7.56
N ALA B 190 6.93 -12.56 6.54
CA ALA B 190 6.13 -12.61 5.32
C ALA B 190 6.27 -11.34 4.48
N PHE B 191 7.49 -10.83 4.35
CA PHE B 191 7.77 -9.71 3.47
C PHE B 191 8.42 -10.18 2.17
N GLN B 192 8.06 -9.54 1.07
CA GLN B 192 8.73 -9.80 -0.20
C GLN B 192 9.90 -8.83 -0.40
N PRO B 194 12.06 -7.36 2.25
CA PRO B 194 12.13 -6.16 3.11
C PRO B 194 13.51 -5.51 2.98
N ALA B 195 13.57 -4.19 2.83
CA ALA B 195 14.82 -3.50 2.54
C ALA B 195 15.03 -2.37 3.53
N GLY B 196 14.94 -1.12 3.08
CA GLY B 196 15.19 0.01 3.98
C GLY B 196 14.26 0.03 5.17
N ILE B 197 14.73 0.69 6.24
CA ILE B 197 14.00 0.77 7.50
C ILE B 197 14.41 2.06 8.20
N ALA B 198 13.44 2.71 8.84
CA ALA B 198 13.68 3.99 9.49
C ALA B 198 12.67 4.16 10.62
N VAL B 199 13.03 5.04 11.57
CA VAL B 199 12.24 5.26 12.78
C VAL B 199 11.93 6.75 12.90
N ARG B 200 10.65 7.07 13.09
CA ARG B 200 10.20 8.42 13.39
C ARG B 200 10.06 8.59 14.89
N HIS B 201 10.54 9.73 15.40
CA HIS B 201 10.58 10.01 16.83
C HIS B 201 9.76 11.25 17.17
N MET B 202 9.17 11.28 18.36
CA MET B 202 8.66 12.51 18.92
C MET B 202 9.82 13.41 19.38
N ASN B 203 9.48 14.64 19.77
CA ASN B 203 10.51 15.63 20.07
C ASN B 203 11.35 15.30 21.29
N ASP B 204 10.87 14.42 22.17
CA ASP B 204 11.68 13.99 23.31
C ASP B 204 12.56 12.80 22.98
N GLY B 205 12.63 12.42 21.70
CA GLY B 205 13.40 11.26 21.31
C GLY B 205 12.69 9.93 21.47
N ARG B 206 11.41 9.92 21.79
CA ARG B 206 10.69 8.67 21.94
C ARG B 206 10.32 8.11 20.57
N PRO B 207 10.74 6.90 20.23
CA PRO B 207 10.32 6.33 18.94
C PRO B 207 8.84 5.98 18.95
N TYR B 208 8.16 6.26 17.83
CA TYR B 208 6.75 5.91 17.75
C TYR B 208 6.27 5.41 16.40
N GLN B 209 7.04 5.53 15.32
CA GLN B 209 6.63 4.94 14.06
C GLN B 209 7.83 4.27 13.41
N LEU B 210 7.62 3.04 12.95
CA LEU B 210 8.57 2.30 12.16
C LEU B 210 8.12 2.31 10.71
N ILE B 211 9.02 2.64 9.79
CA ILE B 211 8.76 2.56 8.37
C ILE B 211 9.63 1.46 7.79
N VAL B 212 9.01 0.55 7.04
CA VAL B 212 9.71 -0.57 6.44
C VAL B 212 9.38 -0.63 4.95
N ALA B 213 10.42 -0.65 4.11
CA ALA B 213 10.24 -0.86 2.68
C ALA B 213 10.04 -2.34 2.40
N GLU B 214 8.99 -2.67 1.66
CA GLU B 214 8.82 -4.00 1.07
C GLU B 214 9.13 -3.81 -0.40
N GLN B 215 10.37 -4.14 -0.81
CA GLN B 215 10.84 -3.68 -2.11
C GLN B 215 9.93 -4.16 -3.23
N ARG B 216 9.63 -5.46 -3.27
CA ARG B 216 9.07 -6.03 -4.49
C ARG B 216 7.54 -5.97 -4.53
N THR B 217 6.92 -5.26 -3.59
CA THR B 217 5.52 -4.88 -3.71
C THR B 217 5.34 -3.39 -3.94
N LYS B 218 6.44 -2.63 -4.06
CA LYS B 218 6.40 -1.18 -4.25
C LYS B 218 5.70 -0.47 -3.10
N LYS B 219 5.83 -0.99 -1.88
CA LYS B 219 5.18 -0.41 -0.72
C LYS B 219 6.18 0.02 0.35
N LEU B 220 5.80 1.05 1.10
CA LEU B 220 6.36 1.36 2.40
C LEU B 220 5.28 1.07 3.44
N TRP B 221 5.62 0.32 4.47
CA TRP B 221 4.71 -0.01 5.55
C TRP B 221 5.05 0.78 6.80
N SER B 222 4.03 1.21 7.54
CA SER B 222 4.23 1.82 8.84
C SER B 222 3.70 0.90 9.94
N TYR B 223 4.37 0.94 11.09
CA TYR B 223 3.88 0.34 12.32
C TYR B 223 3.92 1.38 13.42
N ASP B 224 3.02 1.26 14.40
CA ASP B 224 3.13 2.02 15.63
C ASP B 224 4.10 1.31 16.57
N ILE B 225 5.10 2.03 17.05
CA ILE B 225 6.04 1.49 18.03
C ILE B 225 5.51 1.78 19.42
N LYS B 226 5.35 0.72 20.22
CA LYS B 226 4.86 0.86 21.59
C LYS B 226 5.93 0.55 22.64
N GLY B 227 7.15 0.23 22.23
CA GLY B 227 8.22 -0.09 23.13
C GLY B 227 9.26 -0.92 22.42
N PRO B 228 10.33 -1.32 23.12
CA PRO B 228 11.34 -2.17 22.47
C PRO B 228 10.74 -3.44 21.91
N ALA B 229 10.95 -3.66 20.61
CA ALA B 229 10.48 -4.85 19.91
C ALA B 229 8.95 -5.00 19.98
N LYS B 230 8.23 -3.90 20.19
CA LYS B 230 6.78 -3.90 20.26
C LYS B 230 6.25 -3.02 19.13
N ILE B 231 5.74 -3.65 18.08
CA ILE B 231 5.14 -2.93 16.96
C ILE B 231 3.78 -3.55 16.68
N GLU B 232 2.89 -2.72 16.12
CA GLU B 232 1.52 -3.15 15.84
C GLU B 232 0.97 -2.28 14.72
N ASN B 233 -0.17 -2.71 14.18
CA ASN B 233 -0.96 -1.90 13.26
C ASN B 233 -0.22 -1.61 11.97
N LYS B 234 0.29 -2.66 11.34
CA LYS B 234 0.94 -2.55 10.04
C LYS B 234 -0.03 -1.99 9.01
N LYS B 235 0.33 -0.85 8.43
CA LYS B 235 -0.50 -0.13 7.47
C LYS B 235 0.33 0.30 6.27
N VAL B 236 -0.30 0.29 5.09
CA VAL B 236 0.32 0.91 3.93
C VAL B 236 0.54 2.39 4.23
N TRP B 237 1.81 2.81 4.20
CA TRP B 237 2.17 4.19 4.50
C TRP B 237 2.61 4.98 3.28
N GLY B 238 3.28 4.34 2.34
CA GLY B 238 3.80 5.03 1.17
C GLY B 238 3.77 4.15 -0.05
N HIS B 239 3.69 4.78 -1.21
CA HIS B 239 3.58 4.10 -2.49
C HIS B 239 4.80 4.46 -3.32
N ILE B 240 5.54 3.43 -3.74
CA ILE B 240 6.76 3.62 -4.51
C ILE B 240 6.40 3.58 -5.99
N PRO B 241 6.75 4.62 -6.76
CA PRO B 241 6.31 4.67 -8.15
C PRO B 241 7.08 3.72 -9.05
N GLY B 242 6.46 3.40 -10.19
CA GLY B 242 7.14 2.78 -11.30
C GLY B 242 6.67 1.36 -11.56
N THR B 243 6.96 0.88 -12.77
CA THR B 243 6.66 -0.49 -13.17
C THR B 243 7.93 -1.29 -13.44
N HIS B 244 9.09 -0.71 -13.10
CA HIS B 244 10.37 -1.36 -13.26
C HIS B 244 10.53 -2.53 -12.31
N GLU B 245 11.51 -3.39 -12.61
CA GLU B 245 11.95 -4.39 -11.66
C GLU B 245 12.73 -3.70 -10.54
N GLY B 246 12.28 -3.89 -9.30
CA GLY B 246 12.91 -3.22 -8.18
C GLY B 246 11.91 -2.62 -7.22
N GLY B 247 12.24 -1.47 -6.64
CA GLY B 247 11.44 -0.83 -5.63
C GLY B 247 12.33 -0.18 -4.59
N ALA B 248 11.73 0.17 -3.47
CA ALA B 248 12.46 0.86 -2.41
C ALA B 248 13.64 0.02 -1.92
N SER B 249 14.79 0.68 -1.72
CA SER B 249 15.94 0.05 -1.10
C SER B 249 16.20 0.81 0.20
N GLY B 250 17.35 1.48 0.34
CA GLY B 250 17.67 2.18 1.56
C GLY B 250 16.95 3.52 1.69
N MET B 251 16.85 4.01 2.92
CA MET B 251 16.18 5.29 3.15
CA MET B 251 16.09 5.22 3.22
C MET B 251 16.69 5.93 4.42
N ASP B 252 16.39 7.22 4.56
CA ASP B 252 16.84 8.02 5.68
C ASP B 252 16.01 9.30 5.73
N PHE B 253 15.86 9.84 6.95
CA PHE B 253 15.12 11.08 7.16
C PHE B 253 16.03 12.30 7.04
N ASP B 254 15.46 13.41 6.57
CA ASP B 254 16.14 14.69 6.72
C ASP B 254 15.64 15.36 8.00
N GLU B 255 16.19 16.53 8.32
CA GLU B 255 15.93 17.14 9.63
C GLU B 255 14.49 17.63 9.75
N ASP B 256 13.75 17.73 8.64
CA ASP B 256 12.34 18.06 8.64
C ASP B 256 11.45 16.82 8.64
N ASN B 257 12.05 15.64 8.78
CA ASN B 257 11.33 14.37 8.83
C ASN B 257 10.69 14.00 7.50
N ASN B 258 11.16 14.59 6.41
CA ASN B 258 10.97 13.99 5.09
C ASN B 258 11.76 12.69 5.01
N LEU B 259 11.16 11.68 4.39
CA LEU B 259 11.83 10.40 4.18
C LEU B 259 12.30 10.32 2.74
N LEU B 260 13.62 10.21 2.55
CA LEU B 260 14.24 10.01 1.24
C LEU B 260 14.50 8.52 1.04
N VAL B 261 14.01 7.98 -0.08
CA VAL B 261 13.96 6.54 -0.30
C VAL B 261 14.55 6.24 -1.67
N ALA B 262 15.66 5.51 -1.69
CA ALA B 262 16.22 5.04 -2.95
C ALA B 262 15.23 4.09 -3.61
N ASN B 263 14.97 4.31 -4.90
CA ASN B 263 14.05 3.46 -5.66
C ASN B 263 14.89 2.71 -6.69
N TRP B 264 15.40 1.56 -6.27
CA TRP B 264 16.30 0.73 -7.08
C TRP B 264 15.60 0.32 -8.37
N GLY B 265 16.23 0.64 -9.50
CA GLY B 265 15.70 0.34 -10.81
C GLY B 265 14.98 1.47 -11.49
N SER B 266 14.73 2.58 -10.78
CA SER B 266 13.93 3.68 -11.30
C SER B 266 14.76 4.91 -11.69
N SER B 267 16.05 4.92 -11.38
CA SER B 267 16.92 6.10 -11.52
C SER B 267 16.52 7.27 -10.63
N HIS B 268 15.76 7.03 -9.56
CA HIS B 268 15.32 8.13 -8.72
C HIS B 268 15.45 7.79 -7.24
N ILE B 269 15.58 8.85 -6.43
CA ILE B 269 15.30 8.81 -5.00
C ILE B 269 13.97 9.53 -4.79
N GLU B 270 13.03 8.87 -4.12
CA GLU B 270 11.74 9.47 -3.78
C GLU B 270 11.82 10.26 -2.50
N VAL B 271 11.07 11.35 -2.41
CA VAL B 271 11.01 12.18 -1.20
C VAL B 271 9.58 12.17 -0.68
N PHE B 272 9.38 11.53 0.46
CA PHE B 272 8.09 11.51 1.12
C PHE B 272 8.03 12.56 2.21
N GLY B 273 6.89 13.25 2.29
CA GLY B 273 6.64 14.16 3.38
C GLY B 273 6.34 13.40 4.66
N PRO B 274 6.23 14.12 5.78
CA PRO B 274 5.95 13.44 7.06
C PRO B 274 4.69 12.61 7.05
N ASP B 275 3.73 12.90 6.15
CA ASP B 275 2.44 12.24 6.07
C ASP B 275 2.45 11.01 5.19
N GLY B 276 3.54 10.74 4.47
CA GLY B 276 3.55 9.60 3.58
C GLY B 276 2.62 9.78 2.39
N GLY B 277 2.07 8.67 1.94
CA GLY B 277 1.18 8.65 0.78
C GLY B 277 1.94 8.48 -0.53
N GLN B 278 1.78 9.45 -1.43
CA GLN B 278 2.60 9.55 -2.63
C GLN B 278 3.86 10.34 -2.31
N PRO B 279 4.97 10.09 -3.00
CA PRO B 279 6.11 11.00 -2.87
C PRO B 279 5.68 12.43 -3.19
N LYS B 280 6.25 13.40 -2.47
CA LYS B 280 5.95 14.79 -2.80
C LYS B 280 6.82 15.28 -3.95
N MET B 281 8.03 14.74 -4.08
CA MET B 281 8.94 15.11 -5.14
C MET B 281 9.92 13.97 -5.32
N ARG B 282 10.71 14.05 -6.40
CA ARG B 282 11.71 13.04 -6.69
C ARG B 282 13.04 13.71 -7.02
N ILE B 283 14.11 12.93 -6.85
CA ILE B 283 15.47 13.31 -7.19
C ILE B 283 15.94 12.36 -8.27
N ARG B 284 16.24 12.88 -9.46
CA ARG B 284 16.79 12.02 -10.51
C ARG B 284 18.27 11.79 -10.23
N CYS B 285 18.70 10.47 -10.28
CA CYS B 285 20.08 10.05 -10.16
C CYS B 285 20.66 9.76 -11.54
N PRO B 286 21.95 10.00 -11.76
CA PRO B 286 22.55 9.62 -13.05
C PRO B 286 22.91 8.15 -13.12
N PHE B 287 22.08 7.29 -12.53
CA PHE B 287 22.29 5.85 -12.55
C PHE B 287 20.97 5.19 -12.17
N GLU B 288 20.81 3.93 -12.58
CA GLU B 288 19.49 3.29 -12.50
C GLU B 288 19.18 2.72 -11.12
N LYS B 289 20.19 2.33 -10.34
CA LYS B 289 19.98 1.44 -9.19
C LYS B 289 20.63 1.98 -7.93
N PRO B 290 20.13 3.10 -7.41
CA PRO B 290 20.51 3.51 -6.05
C PRO B 290 20.13 2.43 -5.04
N SER B 291 21.06 2.09 -4.15
CA SER B 291 20.83 1.01 -3.20
C SER B 291 20.78 1.44 -1.74
N ALA B 292 21.36 2.57 -1.39
CA ALA B 292 21.41 3.02 -0.01
C ALA B 292 21.81 4.49 -0.01
N LEU B 293 21.48 5.17 1.08
CA LEU B 293 21.83 6.57 1.20
C LEU B 293 21.93 6.94 2.67
N HIS B 294 22.78 7.91 2.95
CA HIS B 294 23.05 8.31 4.33
CA HIS B 294 23.12 8.28 4.32
C HIS B 294 23.75 9.67 4.29
N PHE B 295 23.37 10.51 5.24
CA PHE B 295 23.88 11.87 5.30
C PHE B 295 25.25 11.90 6.00
N LYS B 296 26.08 12.85 5.60
CA LYS B 296 27.23 13.21 6.45
C LYS B 296 26.70 14.03 7.63
N PRO B 297 27.07 13.69 8.87
CA PRO B 297 26.52 14.41 10.02
C PRO B 297 26.70 15.91 9.93
N GLN B 298 25.66 16.63 10.32
CA GLN B 298 25.66 18.10 10.41
C GLN B 298 25.84 18.76 9.05
N THR B 299 25.51 18.07 7.97
CA THR B 299 25.58 18.65 6.64
C THR B 299 24.36 18.25 5.83
N LYS B 300 24.21 18.92 4.69
CA LYS B 300 23.21 18.61 3.69
C LYS B 300 23.67 17.54 2.70
N THR B 301 24.84 16.95 2.91
CA THR B 301 25.41 16.04 1.92
C THR B 301 24.94 14.61 2.13
N ILE B 302 24.40 14.00 1.08
CA ILE B 302 23.94 12.63 1.08
C ILE B 302 24.89 11.79 0.23
N PHE B 303 25.38 10.69 0.80
CA PHE B 303 26.19 9.72 0.09
C PHE B 303 25.29 8.58 -0.39
N VAL B 304 25.41 8.23 -1.67
CA VAL B 304 24.51 7.28 -2.32
C VAL B 304 25.34 6.16 -2.93
N THR B 305 25.03 4.92 -2.56
CA THR B 305 25.60 3.76 -3.21
C THR B 305 24.67 3.31 -4.34
N GLU B 306 25.25 2.71 -5.38
CA GLU B 306 24.42 2.30 -6.52
C GLU B 306 25.04 1.13 -7.25
N HIS B 307 24.19 0.31 -7.85
CA HIS B 307 24.58 -0.97 -8.41
C HIS B 307 24.62 -0.97 -9.93
N GLU B 308 24.34 0.15 -10.60
CA GLU B 308 24.58 0.18 -12.04
C GLU B 308 26.08 0.17 -12.32
N ASN B 309 26.82 1.04 -11.64
CA ASN B 309 28.27 1.14 -11.79
C ASN B 309 29.01 0.60 -10.58
N ASN B 310 28.31 0.12 -9.55
CA ASN B 310 28.94 -0.37 -8.33
C ASN B 310 29.90 0.68 -7.78
N ALA B 311 29.30 1.81 -7.40
CA ALA B 311 30.06 3.00 -7.06
C ALA B 311 29.32 3.77 -5.99
N VAL B 312 30.02 4.77 -5.45
CA VAL B 312 29.48 5.66 -4.43
C VAL B 312 29.56 7.08 -4.96
N TRP B 313 28.48 7.83 -4.75
CA TRP B 313 28.40 9.22 -5.17
C TRP B 313 27.95 10.05 -3.99
N LYS B 314 28.01 11.38 -4.15
CA LYS B 314 27.44 12.30 -3.18
C LYS B 314 26.73 13.44 -3.91
N PHE B 315 25.70 13.99 -3.26
CA PHE B 315 24.99 15.17 -3.75
C PHE B 315 24.53 15.97 -2.54
N GLU B 316 24.18 17.24 -2.79
CA GLU B 316 23.72 18.15 -1.74
C GLU B 316 22.20 18.23 -1.77
N TRP B 317 21.56 17.93 -0.64
CA TRP B 317 20.13 18.05 -0.44
C TRP B 317 19.79 19.47 0.04
N GLN B 318 18.50 19.73 0.23
CA GLN B 318 18.02 21.07 0.58
CA GLN B 318 18.04 21.07 0.58
C GLN B 318 18.29 21.42 2.04
N ARG B 319 18.52 20.44 2.89
CA ARG B 319 18.70 20.69 4.32
C ARG B 319 19.45 19.51 4.94
N ASN B 320 19.83 19.70 6.20
CA ASN B 320 20.64 18.71 6.90
C ASN B 320 19.85 17.42 7.12
N GLY B 321 20.58 16.33 7.37
CA GLY B 321 19.94 15.10 7.71
C GLY B 321 19.43 15.08 9.13
N LYS B 322 18.57 14.10 9.42
CA LYS B 322 18.16 13.81 10.78
C LYS B 322 19.35 13.22 11.54
N LYS B 323 19.50 13.62 12.80
CA LYS B 323 20.62 13.11 13.58
C LYS B 323 20.52 11.60 13.72
N GLN B 324 21.63 10.91 13.48
CA GLN B 324 21.69 9.48 13.75
C GLN B 324 21.94 9.22 15.24
N TYR B 325 21.57 8.02 15.68
CA TYR B 325 21.77 7.61 17.07
C TYR B 325 23.21 7.89 17.54
N CYS B 326 24.19 7.59 16.69
CA CYS B 326 25.58 7.75 17.09
C CYS B 326 25.95 9.20 17.36
N GLU B 327 25.14 10.14 16.90
CA GLU B 327 25.37 11.56 17.10
CA GLU B 327 25.39 11.55 17.12
C GLU B 327 24.73 12.09 18.39
N THR B 328 23.81 11.33 18.99
CA THR B 328 23.13 11.74 20.21
C THR B 328 24.02 11.49 21.43
N LEU B 329 23.67 12.15 22.53
CA LEU B 329 24.45 12.11 23.75
C LEU B 329 23.81 11.22 24.80
#